data_1B74
#
_entry.id   1B74
#
_cell.length_a   72.170
_cell.length_b   72.170
_cell.length_c   184.990
_cell.angle_alpha   90.00
_cell.angle_beta   90.00
_cell.angle_gamma   120.00
#
_symmetry.space_group_name_H-M   'P 65 2 2'
#
loop_
_entity.id
_entity.type
_entity.pdbx_description
1 polymer 'GLUTAMATE RACEMASE'
2 non-polymer D-GLUTAMINE
3 water water
#
_entity_poly.entity_id   1
_entity_poly.type   'polypeptide(L)'
_entity_poly.pdbx_seq_one_letter_code
;MKIGIFDSGVGGLTVLKAIRNRYRKVDIVYLGDTARVPYGIRSKDTIIRYSLECAGFLKDKGVDIIVVACNTASAYALER
LKKEINVPVFGVIEPGVKEALKKSRNKKIGVIGTPATVKSGAYQRKLEEGGADVFAKACPLFAPLAEEGLLEGEITRKVV
EHYLKEFKGKIDTLILGCTHYPLLKKEIKKFLGDAEVVDSSEALSLSLHNFIKDDGSSSLELFFTDLSPNLQFLIKLILG
RDYPVKLAEGVFTH
;
_entity_poly.pdbx_strand_id   A
#
# COMPACT_ATOMS: atom_id res chain seq x y z
N MET A 1 14.48 9.27 15.97
CA MET A 1 13.80 8.03 16.29
C MET A 1 13.90 7.15 15.07
N LYS A 2 13.52 5.88 15.18
CA LYS A 2 13.61 5.01 14.02
C LYS A 2 12.27 4.45 13.59
N ILE A 3 12.00 4.65 12.29
CA ILE A 3 10.76 4.18 11.71
C ILE A 3 10.95 2.87 10.97
N GLY A 4 10.11 1.88 11.26
CA GLY A 4 10.15 0.64 10.54
C GLY A 4 8.98 0.65 9.56
N ILE A 5 9.23 0.21 8.34
CA ILE A 5 8.24 0.14 7.29
C ILE A 5 8.24 -1.24 6.59
N PHE A 6 7.10 -1.88 6.47
CA PHE A 6 7.13 -3.13 5.73
C PHE A 6 6.07 -3.25 4.66
N ASP A 7 6.33 -4.15 3.72
CA ASP A 7 5.45 -4.40 2.60
C ASP A 7 5.80 -5.77 2.03
N SER A 8 4.91 -6.37 1.26
CA SER A 8 5.21 -7.66 0.65
C SER A 8 6.13 -7.47 -0.54
N GLY A 9 6.30 -6.23 -0.98
CA GLY A 9 7.12 -5.98 -2.14
C GLY A 9 7.96 -4.77 -2.09
N VAL A 10 7.98 -4.03 -3.22
CA VAL A 10 8.75 -2.79 -3.41
C VAL A 10 7.79 -1.61 -3.52
N GLY A 11 6.50 -1.88 -3.40
CA GLY A 11 5.54 -0.80 -3.42
C GLY A 11 5.73 0.14 -2.23
N GLY A 12 6.10 -0.38 -1.05
CA GLY A 12 6.29 0.45 0.13
C GLY A 12 7.42 1.49 0.01
N LEU A 13 8.29 1.32 -0.98
CA LEU A 13 9.38 2.25 -1.21
C LEU A 13 8.87 3.64 -1.62
N THR A 14 7.61 3.71 -2.06
CA THR A 14 6.98 4.98 -2.43
C THR A 14 6.69 5.72 -1.11
N VAL A 15 5.91 5.11 -0.22
CA VAL A 15 5.62 5.71 1.10
C VAL A 15 6.96 6.09 1.76
N LEU A 16 7.91 5.14 1.79
CA LEU A 16 9.25 5.33 2.38
C LEU A 16 9.92 6.61 1.87
N LYS A 17 9.74 6.93 0.60
CA LYS A 17 10.30 8.17 -0.01
C LYS A 17 9.58 9.43 0.49
N ALA A 18 8.27 9.34 0.68
CA ALA A 18 7.46 10.48 1.16
C ALA A 18 7.92 10.90 2.56
N ILE A 19 8.06 9.87 3.39
CA ILE A 19 8.51 9.91 4.78
C ILE A 19 9.93 10.47 4.81
N ARG A 20 10.92 9.76 4.24
CA ARG A 20 12.31 10.25 4.18
C ARG A 20 12.43 11.71 3.77
N ASN A 21 11.59 12.15 2.84
CA ASN A 21 11.64 13.54 2.39
C ASN A 21 11.00 14.50 3.40
N ARG A 22 9.86 14.11 3.98
CA ARG A 22 9.18 14.93 4.98
C ARG A 22 9.92 14.85 6.34
N TYR A 23 10.34 13.65 6.75
CA TYR A 23 11.08 13.56 7.99
C TYR A 23 12.56 13.37 7.72
N ARG A 24 13.24 14.48 7.45
CA ARG A 24 14.68 14.57 7.13
C ARG A 24 15.72 13.83 7.95
N LYS A 25 15.53 13.75 9.26
CA LYS A 25 16.51 13.14 10.11
C LYS A 25 16.20 11.75 10.58
N VAL A 26 14.93 11.43 10.56
CA VAL A 26 14.43 10.12 10.97
C VAL A 26 15.20 8.96 10.35
N ASP A 27 15.50 7.91 11.15
CA ASP A 27 16.19 6.70 10.67
C ASP A 27 15.13 5.74 10.11
N ILE A 28 15.49 4.90 9.12
CA ILE A 28 14.48 4.02 8.53
C ILE A 28 14.97 2.63 8.22
N VAL A 29 14.17 1.65 8.62
CA VAL A 29 14.45 0.26 8.31
C VAL A 29 13.26 -0.25 7.49
N TYR A 30 13.58 -0.85 6.36
CA TYR A 30 12.58 -1.38 5.45
C TYR A 30 12.68 -2.87 5.33
N LEU A 31 11.53 -3.54 5.36
CA LEU A 31 11.45 -4.96 5.16
C LEU A 31 10.42 -5.30 4.05
N GLY A 32 10.89 -5.86 2.94
CA GLY A 32 9.95 -6.22 1.89
C GLY A 32 9.93 -7.73 1.94
N ASP A 33 8.78 -8.35 2.17
CA ASP A 33 8.72 -9.80 2.23
C ASP A 33 8.52 -10.38 0.83
N THR A 34 9.57 -10.26 0.02
CA THR A 34 9.55 -10.75 -1.37
C THR A 34 9.44 -12.24 -1.51
N ALA A 35 9.91 -12.97 -0.52
CA ALA A 35 9.87 -14.43 -0.50
C ALA A 35 8.45 -14.98 -0.56
N ARG A 36 7.48 -14.22 -0.08
CA ARG A 36 6.09 -14.69 -0.08
C ARG A 36 5.19 -13.75 -0.83
N VAL A 37 5.85 -13.00 -1.70
CA VAL A 37 5.34 -11.96 -2.58
C VAL A 37 3.88 -11.83 -2.93
N PRO A 38 3.15 -12.94 -3.18
CA PRO A 38 1.74 -12.60 -3.47
C PRO A 38 0.86 -12.77 -2.18
N TYR A 39 0.86 -11.75 -1.31
CA TYR A 39 0.09 -11.75 -0.07
C TYR A 39 -1.40 -11.82 -0.37
N GLY A 40 -1.87 -10.77 -1.05
CA GLY A 40 -3.26 -10.58 -1.43
C GLY A 40 -4.14 -11.72 -1.88
N ILE A 41 -3.59 -12.92 -1.94
CA ILE A 41 -4.35 -14.09 -2.32
C ILE A 41 -4.65 -14.94 -1.09
N ARG A 42 -3.61 -15.10 -0.23
CA ARG A 42 -3.67 -15.90 1.01
C ARG A 42 -4.79 -15.52 1.97
N SER A 43 -5.15 -16.48 2.83
CA SER A 43 -6.22 -16.30 3.81
C SER A 43 -5.85 -15.28 4.88
N LYS A 44 -6.87 -14.71 5.51
CA LYS A 44 -6.72 -13.73 6.57
C LYS A 44 -5.64 -14.10 7.60
N ASP A 45 -5.74 -15.28 8.19
CA ASP A 45 -4.76 -15.70 9.20
C ASP A 45 -3.34 -15.88 8.74
N THR A 46 -3.15 -16.17 7.47
CA THR A 46 -1.82 -16.33 6.97
C THR A 46 -1.25 -14.93 6.80
N ILE A 47 -2.12 -13.98 6.48
CA ILE A 47 -1.75 -12.59 6.29
C ILE A 47 -1.29 -12.05 7.63
N ILE A 48 -1.99 -12.44 8.67
CA ILE A 48 -1.70 -12.06 10.05
C ILE A 48 -0.39 -12.65 10.58
N ARG A 49 -0.11 -13.94 10.33
CA ARG A 49 1.12 -14.58 10.81
C ARG A 49 2.35 -13.97 10.14
N TYR A 50 2.26 -13.76 8.84
CA TYR A 50 3.30 -13.15 8.00
C TYR A 50 3.71 -11.75 8.48
N SER A 51 2.67 -10.97 8.81
CA SER A 51 2.75 -9.59 9.30
C SER A 51 3.41 -9.52 10.67
N LEU A 52 2.96 -10.40 11.56
CA LEU A 52 3.48 -10.51 12.91
C LEU A 52 4.97 -10.75 12.87
N GLU A 53 5.40 -11.61 11.93
CA GLU A 53 6.83 -11.94 11.73
C GLU A 53 7.66 -10.81 11.19
N CYS A 54 7.11 -10.07 10.21
CA CYS A 54 7.83 -8.95 9.64
C CYS A 54 7.89 -7.80 10.62
N ALA A 55 6.81 -7.59 11.37
CA ALA A 55 6.75 -6.53 12.37
C ALA A 55 7.66 -6.92 13.53
N GLY A 56 7.71 -8.22 13.85
CA GLY A 56 8.59 -8.67 14.91
C GLY A 56 10.05 -8.40 14.56
N PHE A 57 10.42 -8.67 13.30
CA PHE A 57 11.77 -8.44 12.74
C PHE A 57 12.13 -6.96 12.75
N LEU A 58 11.17 -6.13 12.40
CA LEU A 58 11.44 -4.68 12.45
C LEU A 58 11.59 -4.31 13.93
N LYS A 59 10.72 -4.82 14.81
CA LYS A 59 10.83 -4.45 16.24
C LYS A 59 12.22 -4.84 16.80
N ASP A 60 12.63 -6.07 16.55
CA ASP A 60 13.95 -6.53 17.00
C ASP A 60 15.10 -5.79 16.32
N LYS A 61 14.78 -4.88 15.39
CA LYS A 61 15.81 -4.06 14.76
C LYS A 61 15.86 -2.70 15.45
N GLY A 62 15.14 -2.62 16.57
CA GLY A 62 15.06 -1.44 17.41
C GLY A 62 14.24 -0.27 16.89
N VAL A 63 13.22 -0.53 16.09
CA VAL A 63 12.42 0.58 15.56
C VAL A 63 11.38 1.11 16.60
N ASP A 64 10.96 2.37 16.44
CA ASP A 64 10.02 3.04 17.36
C ASP A 64 8.55 3.01 16.98
N ILE A 65 8.27 2.91 15.68
CA ILE A 65 6.92 2.80 15.14
C ILE A 65 7.03 1.91 13.89
N ILE A 66 5.90 1.39 13.45
CA ILE A 66 5.83 0.50 12.33
C ILE A 66 4.73 0.94 11.42
N VAL A 67 5.11 1.13 10.15
CA VAL A 67 4.18 1.54 9.09
C VAL A 67 3.96 0.32 8.20
N VAL A 68 2.75 -0.22 8.16
CA VAL A 68 2.49 -1.32 7.23
C VAL A 68 1.89 -0.70 5.94
N ALA A 69 2.73 -0.54 4.91
CA ALA A 69 2.29 0.11 3.67
C ALA A 69 1.46 -0.71 2.72
N CYS A 70 1.19 -1.94 3.12
CA CYS A 70 0.44 -2.91 2.36
C CYS A 70 -1.02 -2.82 2.73
N ASN A 71 -1.89 -2.68 1.73
CA ASN A 71 -3.31 -2.62 1.94
C ASN A 71 -3.84 -3.86 2.61
N THR A 72 -3.54 -5.04 2.05
CA THR A 72 -4.00 -6.31 2.61
C THR A 72 -3.62 -6.56 4.08
N ALA A 73 -2.39 -6.23 4.44
CA ALA A 73 -1.89 -6.45 5.79
C ALA A 73 -2.58 -5.49 6.75
N SER A 74 -2.74 -4.26 6.28
CA SER A 74 -3.39 -3.19 7.03
C SER A 74 -4.85 -3.56 7.32
N ALA A 75 -5.47 -4.15 6.34
CA ALA A 75 -6.85 -4.58 6.40
C ALA A 75 -7.16 -5.67 7.41
N TYR A 76 -6.22 -6.60 7.63
CA TYR A 76 -6.43 -7.73 8.54
C TYR A 76 -5.51 -7.85 9.77
N ALA A 77 -4.30 -7.29 9.68
CA ALA A 77 -3.29 -7.46 10.72
C ALA A 77 -3.03 -6.37 11.73
N LEU A 78 -3.57 -5.18 11.49
CA LEU A 78 -3.33 -4.04 12.38
C LEU A 78 -3.61 -4.26 13.86
N GLU A 79 -4.77 -4.81 14.19
CA GLU A 79 -5.14 -5.06 15.59
C GLU A 79 -4.11 -5.93 16.26
N ARG A 80 -3.93 -7.13 15.69
CA ARG A 80 -3.00 -8.14 16.15
C ARG A 80 -1.60 -7.59 16.26
N LEU A 81 -1.20 -6.74 15.31
CA LEU A 81 0.14 -6.16 15.38
C LEU A 81 0.30 -5.29 16.59
N LYS A 82 -0.65 -4.38 16.79
CA LYS A 82 -0.61 -3.43 17.91
C LYS A 82 -0.58 -4.14 19.24
N LYS A 83 -1.37 -5.20 19.32
CA LYS A 83 -1.51 -6.00 20.52
C LYS A 83 -0.27 -6.83 20.84
N GLU A 84 0.55 -7.11 19.85
CA GLU A 84 1.72 -7.92 20.12
C GLU A 84 3.09 -7.24 20.04
N ILE A 85 3.19 -6.12 19.33
CA ILE A 85 4.43 -5.35 19.18
C ILE A 85 4.13 -4.17 20.06
N ASN A 86 5.01 -3.85 20.95
CA ASN A 86 4.59 -2.80 21.85
C ASN A 86 4.88 -1.40 21.34
N VAL A 87 4.57 -1.15 20.06
CA VAL A 87 4.81 0.15 19.50
C VAL A 87 3.64 0.64 18.70
N PRO A 88 3.60 1.98 18.39
CA PRO A 88 2.54 2.61 17.58
C PRO A 88 2.63 1.95 16.18
N VAL A 89 1.52 1.40 15.66
CA VAL A 89 1.47 0.76 14.32
C VAL A 89 0.56 1.54 13.36
N PHE A 90 1.03 1.88 12.15
CA PHE A 90 0.20 2.64 11.23
C PHE A 90 -0.02 1.98 9.90
N GLY A 91 -1.28 1.98 9.45
CA GLY A 91 -1.65 1.38 8.18
C GLY A 91 -2.01 2.35 7.06
N VAL A 92 -2.13 1.85 5.85
CA VAL A 92 -2.38 2.73 4.73
C VAL A 92 -3.87 2.99 4.42
N ILE A 93 -4.76 2.25 5.08
CA ILE A 93 -6.18 2.40 4.92
C ILE A 93 -6.80 3.63 5.58
N GLU A 94 -6.62 3.82 6.88
CA GLU A 94 -7.23 5.01 7.49
C GLU A 94 -6.81 6.40 6.95
N PRO A 95 -5.53 6.59 6.57
CA PRO A 95 -5.24 7.96 6.07
C PRO A 95 -5.87 8.20 4.72
N GLY A 96 -6.18 7.10 4.05
CA GLY A 96 -6.78 7.19 2.73
C GLY A 96 -8.25 7.42 2.84
N VAL A 97 -8.88 6.74 3.78
CA VAL A 97 -10.31 6.90 4.01
C VAL A 97 -10.55 8.39 4.42
N LYS A 98 -9.72 8.86 5.35
CA LYS A 98 -9.82 10.25 5.84
C LYS A 98 -9.73 11.22 4.67
N GLU A 99 -8.73 11.01 3.83
CA GLU A 99 -8.44 11.86 2.69
C GLU A 99 -9.53 11.78 1.66
N ALA A 100 -10.17 10.63 1.58
CA ALA A 100 -11.26 10.41 0.66
C ALA A 100 -12.47 11.19 1.21
N LEU A 101 -12.87 10.84 2.45
CA LEU A 101 -14.01 11.51 3.11
C LEU A 101 -13.92 13.01 2.99
N LYS A 102 -12.73 13.54 3.24
CA LYS A 102 -12.44 14.98 3.15
C LYS A 102 -12.60 15.56 1.74
N LYS A 103 -11.85 14.98 0.80
CA LYS A 103 -11.83 15.43 -0.59
C LYS A 103 -13.12 15.30 -1.39
N SER A 104 -14.01 14.42 -0.98
CA SER A 104 -15.27 14.18 -1.68
C SER A 104 -16.09 15.47 -1.65
N ARG A 105 -17.29 15.41 -2.21
CA ARG A 105 -18.18 16.56 -2.30
C ARG A 105 -19.57 15.98 -2.11
N ASN A 106 -19.79 14.89 -2.85
CA ASN A 106 -21.04 14.16 -2.85
C ASN A 106 -21.07 12.93 -1.97
N LYS A 107 -19.93 12.63 -1.32
CA LYS A 107 -19.80 11.45 -0.45
C LYS A 107 -20.12 10.13 -1.12
N LYS A 108 -19.88 10.07 -2.42
CA LYS A 108 -20.04 8.85 -3.18
C LYS A 108 -18.60 8.57 -3.62
N ILE A 109 -17.99 7.57 -3.00
CA ILE A 109 -16.59 7.29 -3.31
C ILE A 109 -16.21 5.83 -3.60
N GLY A 110 -15.42 5.66 -4.65
CA GLY A 110 -15.00 4.32 -5.06
C GLY A 110 -13.62 3.81 -4.64
N VAL A 111 -13.52 2.50 -4.48
CA VAL A 111 -12.29 1.87 -4.06
C VAL A 111 -11.90 0.66 -4.90
N ILE A 112 -10.76 0.77 -5.57
CA ILE A 112 -10.25 -0.33 -6.39
C ILE A 112 -9.20 -0.99 -5.51
N GLY A 113 -9.49 -2.19 -5.02
CA GLY A 113 -8.54 -2.87 -4.15
C GLY A 113 -8.23 -4.31 -4.52
N THR A 114 -7.26 -4.91 -3.85
CA THR A 114 -6.88 -6.29 -4.08
C THR A 114 -8.07 -7.17 -3.63
N PRO A 115 -8.33 -8.30 -4.33
CA PRO A 115 -9.46 -9.13 -3.92
C PRO A 115 -9.52 -9.45 -2.43
N ALA A 116 -8.35 -9.54 -1.79
CA ALA A 116 -8.30 -9.80 -0.36
C ALA A 116 -8.57 -8.52 0.47
N THR A 117 -8.07 -7.37 0.00
CA THR A 117 -8.30 -6.12 0.75
C THR A 117 -9.75 -5.67 0.54
N VAL A 118 -10.24 -5.83 -0.67
CA VAL A 118 -11.63 -5.51 -0.98
C VAL A 118 -12.52 -6.43 -0.17
N LYS A 119 -12.08 -7.66 0.07
CA LYS A 119 -12.89 -8.63 0.81
C LYS A 119 -13.02 -8.35 2.30
N SER A 120 -12.00 -7.74 2.90
CA SER A 120 -12.04 -7.47 4.34
C SER A 120 -13.18 -6.54 4.77
N GLY A 121 -13.54 -5.62 3.89
CA GLY A 121 -14.59 -4.67 4.18
C GLY A 121 -14.09 -3.48 4.98
N ALA A 122 -12.77 -3.42 5.20
CA ALA A 122 -12.20 -2.33 5.96
C ALA A 122 -12.46 -0.96 5.37
N TYR A 123 -12.25 -0.78 4.07
CA TYR A 123 -12.47 0.53 3.45
C TYR A 123 -13.95 0.85 3.46
N GLN A 124 -14.73 -0.14 3.06
CA GLN A 124 -16.16 -0.04 3.01
C GLN A 124 -16.71 0.45 4.35
N ARG A 125 -16.44 -0.29 5.43
CA ARG A 125 -16.90 0.07 6.77
C ARG A 125 -16.48 1.49 7.16
N LYS A 126 -15.18 1.78 7.00
CA LYS A 126 -14.62 3.07 7.37
C LYS A 126 -15.13 4.23 6.52
N LEU A 127 -15.54 3.93 5.31
CA LEU A 127 -16.04 4.98 4.46
C LEU A 127 -17.49 5.16 4.82
N GLU A 128 -18.18 4.05 5.07
CA GLU A 128 -19.58 4.16 5.41
C GLU A 128 -19.75 4.86 6.75
N GLU A 129 -18.87 4.57 7.72
CA GLU A 129 -18.94 5.21 9.04
C GLU A 129 -18.51 6.67 8.99
N GLY A 130 -18.27 7.13 7.79
CA GLY A 130 -17.89 8.51 7.55
C GLY A 130 -19.01 9.14 6.72
N GLY A 131 -20.09 8.37 6.50
CA GLY A 131 -21.23 8.85 5.72
C GLY A 131 -20.91 8.87 4.24
N ALA A 132 -20.59 7.70 3.70
CA ALA A 132 -20.24 7.57 2.28
C ALA A 132 -20.89 6.42 1.61
N ASP A 133 -21.28 6.63 0.36
CA ASP A 133 -21.85 5.56 -0.44
C ASP A 133 -20.58 5.07 -1.16
N VAL A 134 -20.10 3.90 -0.75
CA VAL A 134 -18.89 3.28 -1.29
C VAL A 134 -19.16 2.43 -2.50
N PHE A 135 -18.30 2.56 -3.50
CA PHE A 135 -18.37 1.75 -4.73
C PHE A 135 -17.00 1.08 -4.77
N ALA A 136 -16.94 -0.22 -4.47
CA ALA A 136 -15.64 -0.90 -4.47
C ALA A 136 -15.63 -2.11 -5.35
N LYS A 137 -14.50 -2.29 -6.04
CA LYS A 137 -14.22 -3.38 -6.97
C LYS A 137 -12.82 -3.93 -6.72
N ALA A 138 -12.64 -5.23 -6.96
CA ALA A 138 -11.35 -5.84 -6.77
C ALA A 138 -10.41 -5.65 -7.96
N CYS A 139 -9.12 -5.70 -7.69
CA CYS A 139 -8.03 -5.60 -8.69
C CYS A 139 -8.22 -6.80 -9.63
N PRO A 140 -8.17 -6.58 -10.97
CA PRO A 140 -8.32 -7.66 -11.94
C PRO A 140 -6.99 -8.41 -11.97
N LEU A 141 -7.03 -9.71 -11.74
CA LEU A 141 -5.82 -10.53 -11.71
C LEU A 141 -5.54 -11.22 -13.08
N PHE A 142 -4.97 -10.47 -14.03
CA PHE A 142 -4.73 -11.01 -15.37
C PHE A 142 -3.41 -11.64 -15.76
N ALA A 143 -2.30 -11.00 -15.35
CA ALA A 143 -0.96 -11.47 -15.70
C ALA A 143 -0.62 -12.94 -15.53
N PRO A 144 -1.18 -13.63 -14.53
CA PRO A 144 -0.85 -15.05 -14.39
C PRO A 144 -1.07 -15.79 -15.71
N LEU A 145 -2.30 -15.73 -16.24
CA LEU A 145 -2.62 -16.36 -17.52
C LEU A 145 -2.09 -15.50 -18.67
N ALA A 146 -2.94 -14.57 -19.08
CA ALA A 146 -2.69 -13.64 -20.17
C ALA A 146 -1.60 -12.61 -19.97
N GLU A 147 -1.11 -12.13 -21.12
CA GLU A 147 -0.07 -11.12 -21.19
C GLU A 147 -0.72 -9.85 -21.69
N GLU A 148 0.03 -8.75 -21.59
CA GLU A 148 -0.42 -7.43 -22.01
C GLU A 148 -0.46 -7.35 -23.54
N GLY A 149 -0.57 -8.51 -24.18
CA GLY A 149 -0.61 -8.59 -25.63
C GLY A 149 -2.04 -8.54 -26.10
N LEU A 150 -2.84 -9.49 -25.61
CA LEU A 150 -4.27 -9.54 -25.93
C LEU A 150 -4.72 -8.22 -25.36
N LEU A 151 -4.51 -8.08 -24.04
CA LEU A 151 -4.88 -6.87 -23.27
C LEU A 151 -4.20 -5.57 -23.70
N GLU A 152 -4.31 -5.23 -24.98
CA GLU A 152 -3.73 -4.00 -25.47
C GLU A 152 -4.62 -3.42 -26.56
N GLY A 153 -5.10 -2.20 -26.30
CA GLY A 153 -5.99 -1.54 -27.24
C GLY A 153 -7.42 -1.82 -26.85
N GLU A 154 -8.19 -2.34 -27.80
CA GLU A 154 -9.61 -2.68 -27.62
C GLU A 154 -9.95 -3.23 -26.24
N ILE A 155 -9.35 -4.37 -25.93
CA ILE A 155 -9.57 -5.08 -24.68
C ILE A 155 -9.13 -4.37 -23.39
N THR A 156 -8.12 -3.51 -23.48
CA THR A 156 -7.65 -2.79 -22.30
C THR A 156 -8.68 -1.79 -21.81
N ARG A 157 -9.24 -1.03 -22.76
CA ARG A 157 -10.25 -0.04 -22.40
C ARG A 157 -11.66 -0.54 -22.63
N LYS A 158 -11.81 -1.84 -22.40
CA LYS A 158 -13.07 -2.56 -22.48
C LYS A 158 -13.15 -3.34 -21.17
N VAL A 159 -11.98 -3.66 -20.62
CA VAL A 159 -11.90 -4.34 -19.34
C VAL A 159 -12.09 -3.26 -18.30
N VAL A 160 -11.55 -2.08 -18.59
CA VAL A 160 -11.65 -0.90 -17.72
C VAL A 160 -13.15 -0.66 -17.53
N GLU A 161 -13.78 -0.26 -18.63
CA GLU A 161 -15.20 0.03 -18.76
C GLU A 161 -16.09 -0.92 -17.95
N HIS A 162 -15.95 -2.20 -18.25
CA HIS A 162 -16.72 -3.27 -17.60
C HIS A 162 -16.46 -3.32 -16.09
N TYR A 163 -15.21 -3.08 -15.72
CA TYR A 163 -14.80 -3.11 -14.33
C TYR A 163 -15.24 -1.88 -13.55
N LEU A 164 -15.10 -0.70 -14.17
CA LEU A 164 -15.46 0.53 -13.49
C LEU A 164 -16.85 0.97 -13.92
N LYS A 165 -17.70 -0.04 -14.13
CA LYS A 165 -19.09 0.07 -14.56
C LYS A 165 -19.92 0.87 -13.58
N GLU A 166 -20.09 0.29 -12.39
CA GLU A 166 -20.87 0.94 -11.34
C GLU A 166 -20.35 2.30 -10.95
N PHE A 167 -19.07 2.59 -11.22
CA PHE A 167 -18.50 3.90 -10.87
C PHE A 167 -18.89 5.00 -11.87
N LYS A 168 -19.10 4.62 -13.13
CA LYS A 168 -19.47 5.51 -14.25
C LYS A 168 -19.69 7.01 -13.98
N GLY A 169 -20.79 7.34 -13.31
CA GLY A 169 -21.10 8.74 -13.02
C GLY A 169 -21.62 9.03 -11.63
N LYS A 170 -21.31 8.16 -10.67
CA LYS A 170 -21.76 8.33 -9.28
C LYS A 170 -20.69 8.75 -8.29
N ILE A 171 -19.43 8.41 -8.56
CA ILE A 171 -18.33 8.77 -7.67
C ILE A 171 -17.57 9.99 -8.14
N ASP A 172 -16.91 10.68 -7.21
CA ASP A 172 -16.12 11.87 -7.53
C ASP A 172 -14.69 11.81 -6.93
N THR A 173 -14.46 10.80 -6.10
CA THR A 173 -13.19 10.58 -5.41
C THR A 173 -12.98 9.08 -5.45
N LEU A 174 -11.72 8.67 -5.58
CA LEU A 174 -11.36 7.25 -5.69
C LEU A 174 -10.16 6.94 -4.83
N ILE A 175 -10.19 5.79 -4.14
CA ILE A 175 -9.04 5.34 -3.38
C ILE A 175 -8.43 4.23 -4.29
N LEU A 176 -7.22 4.44 -4.74
CA LEU A 176 -6.58 3.48 -5.62
C LEU A 176 -5.87 2.47 -4.74
N GLY A 177 -6.67 1.56 -4.19
CA GLY A 177 -6.15 0.54 -3.31
C GLY A 177 -4.94 -0.05 -3.96
N CYS A 178 -5.09 -0.40 -5.22
CA CYS A 178 -3.99 -0.97 -5.96
C CYS A 178 -4.29 -1.04 -7.46
N THR A 179 -3.29 -0.72 -8.25
CA THR A 179 -3.42 -0.74 -9.70
C THR A 179 -2.56 -1.80 -10.37
N HIS A 180 -3.20 -2.59 -11.22
CA HIS A 180 -2.56 -3.65 -11.99
C HIS A 180 -3.17 -3.60 -13.38
N TYR A 181 -2.31 -3.60 -14.39
CA TYR A 181 -2.67 -3.56 -15.80
C TYR A 181 -3.90 -4.40 -16.08
N PRO A 182 -4.81 -3.93 -16.96
CA PRO A 182 -4.82 -2.68 -17.74
C PRO A 182 -5.43 -1.52 -16.97
N LEU A 183 -5.85 -1.79 -15.74
CA LEU A 183 -6.47 -0.77 -14.92
C LEU A 183 -5.41 0.10 -14.28
N LEU A 184 -4.58 0.66 -15.16
CA LEU A 184 -3.50 1.54 -14.77
C LEU A 184 -4.19 2.84 -14.35
N LYS A 185 -3.43 3.83 -13.89
CA LYS A 185 -4.01 5.09 -13.45
C LYS A 185 -4.49 5.97 -14.60
N LYS A 186 -3.64 6.16 -15.61
CA LYS A 186 -4.01 6.98 -16.76
C LYS A 186 -5.21 6.37 -17.49
N GLU A 187 -5.33 5.06 -17.48
CA GLU A 187 -6.43 4.39 -18.16
C GLU A 187 -7.75 4.55 -17.43
N ILE A 188 -7.69 4.54 -16.09
CA ILE A 188 -8.90 4.66 -15.27
C ILE A 188 -9.45 6.08 -15.11
N LYS A 189 -8.57 7.08 -15.05
CA LYS A 189 -9.01 8.46 -14.92
C LYS A 189 -9.67 8.89 -16.23
N LYS A 190 -9.23 8.28 -17.33
CA LYS A 190 -9.78 8.61 -18.64
C LYS A 190 -11.14 8.01 -18.88
N PHE A 191 -11.48 6.97 -18.15
CA PHE A 191 -12.79 6.38 -18.28
C PHE A 191 -13.72 7.08 -17.30
N LEU A 192 -13.30 7.13 -16.04
CA LEU A 192 -14.09 7.79 -15.00
C LEU A 192 -14.19 9.27 -15.26
N GLY A 193 -13.32 9.76 -16.14
CA GLY A 193 -13.26 11.19 -16.40
C GLY A 193 -12.42 11.68 -15.25
N ASP A 194 -12.01 12.94 -15.28
CA ASP A 194 -11.21 13.44 -14.19
C ASP A 194 -11.95 13.41 -12.85
N ALA A 195 -11.42 12.59 -11.95
CA ALA A 195 -11.95 12.40 -10.60
C ALA A 195 -10.77 12.62 -9.66
N GLU A 196 -11.04 12.93 -8.40
CA GLU A 196 -9.94 13.13 -7.46
C GLU A 196 -9.54 11.80 -6.86
N VAL A 197 -8.35 11.37 -7.25
CA VAL A 197 -7.76 10.12 -6.83
C VAL A 197 -6.90 10.32 -5.58
N VAL A 198 -7.18 9.55 -4.54
CA VAL A 198 -6.43 9.67 -3.32
C VAL A 198 -4.96 9.22 -3.46
N ASP A 199 -4.04 9.98 -2.87
CA ASP A 199 -2.65 9.60 -2.84
C ASP A 199 -2.43 9.07 -1.43
N SER A 200 -2.66 7.77 -1.30
CA SER A 200 -2.56 7.01 -0.07
C SER A 200 -1.18 7.08 0.57
N SER A 201 -0.17 7.31 -0.25
CA SER A 201 1.21 7.36 0.19
C SER A 201 1.54 8.67 0.89
N GLU A 202 1.11 9.78 0.28
CA GLU A 202 1.33 11.09 0.89
C GLU A 202 0.43 11.26 2.11
N ALA A 203 -0.77 10.65 2.06
CA ALA A 203 -1.71 10.72 3.17
C ALA A 203 -1.15 10.00 4.35
N LEU A 204 -0.56 8.83 4.12
CA LEU A 204 0.04 8.03 5.19
C LEU A 204 1.23 8.76 5.78
N SER A 205 2.21 9.08 4.94
CA SER A 205 3.39 9.82 5.38
C SER A 205 3.06 11.06 6.19
N LEU A 206 2.08 11.83 5.70
CA LEU A 206 1.70 13.08 6.37
C LEU A 206 1.09 12.79 7.73
N SER A 207 0.28 11.72 7.76
CA SER A 207 -0.43 11.24 8.91
C SER A 207 0.38 10.88 10.14
N LEU A 208 1.67 10.61 9.95
CA LEU A 208 2.54 10.25 11.07
C LEU A 208 3.17 11.50 11.70
N HIS A 209 2.71 12.67 11.34
CA HIS A 209 3.37 13.85 11.86
C HIS A 209 3.40 13.97 13.38
N ASN A 210 2.28 13.69 14.04
CA ASN A 210 2.27 13.82 15.48
C ASN A 210 3.05 12.76 16.27
N PHE A 211 3.33 11.62 15.63
CA PHE A 211 4.05 10.54 16.31
C PHE A 211 5.53 10.61 16.11
N ILE A 212 5.94 11.18 14.98
CA ILE A 212 7.34 11.30 14.65
C ILE A 212 8.10 12.42 15.31
N LYS A 213 9.15 12.06 16.04
CA LYS A 213 10.02 13.05 16.61
C LYS A 213 11.03 13.11 15.45
N ASP A 214 11.07 14.22 14.71
CA ASP A 214 11.98 14.31 13.59
C ASP A 214 13.41 14.43 14.03
N ASP A 215 13.98 13.32 14.48
CA ASP A 215 15.37 13.28 14.91
C ASP A 215 16.05 11.96 14.47
N GLY A 216 17.37 11.98 14.37
CA GLY A 216 18.10 10.79 13.98
C GLY A 216 19.25 11.08 13.04
N SER A 217 19.80 10.04 12.44
CA SER A 217 20.94 10.15 11.54
C SER A 217 20.63 9.99 10.04
N SER A 218 19.36 10.08 9.67
CA SER A 218 18.99 9.91 8.26
C SER A 218 19.54 8.59 7.70
N SER A 219 19.51 7.52 8.48
CA SER A 219 20.02 6.25 7.98
C SER A 219 18.91 5.46 7.28
N LEU A 220 19.30 4.70 6.26
CA LEU A 220 18.36 3.89 5.52
C LEU A 220 18.88 2.48 5.38
N GLU A 221 18.04 1.51 5.65
CA GLU A 221 18.44 0.12 5.55
C GLU A 221 17.37 -0.66 4.89
N LEU A 222 17.73 -1.32 3.80
CA LEU A 222 16.79 -2.10 3.03
C LEU A 222 17.03 -3.60 3.24
N PHE A 223 15.95 -4.32 3.52
CA PHE A 223 15.97 -5.74 3.79
C PHE A 223 14.83 -6.38 3.02
N PHE A 224 15.06 -7.58 2.48
CA PHE A 224 14.05 -8.32 1.71
C PHE A 224 14.20 -9.81 2.10
N THR A 225 13.12 -10.58 2.14
CA THR A 225 13.26 -11.99 2.51
C THR A 225 13.63 -12.91 1.31
N ASP A 226 13.71 -12.34 0.11
CA ASP A 226 14.10 -13.06 -1.09
C ASP A 226 14.75 -12.03 -1.99
N LEU A 227 16.00 -12.26 -2.41
CA LEU A 227 16.71 -11.32 -3.29
C LEU A 227 16.29 -11.58 -4.72
N SER A 228 15.00 -11.37 -4.95
CA SER A 228 14.32 -11.53 -6.23
C SER A 228 15.10 -10.97 -7.41
N PRO A 229 14.74 -11.40 -8.64
CA PRO A 229 15.26 -11.06 -9.98
C PRO A 229 15.70 -9.61 -10.26
N ASN A 230 14.74 -8.76 -10.61
CA ASN A 230 15.03 -7.37 -10.94
C ASN A 230 14.79 -6.39 -9.80
N LEU A 231 14.76 -6.90 -8.57
CA LEU A 231 14.52 -6.10 -7.36
C LEU A 231 15.56 -5.01 -7.25
N GLN A 232 16.82 -5.39 -7.37
CA GLN A 232 17.94 -4.46 -7.31
C GLN A 232 17.83 -3.28 -8.29
N PHE A 233 17.18 -3.48 -9.44
CA PHE A 233 17.01 -2.42 -10.46
C PHE A 233 15.76 -1.56 -10.13
N LEU A 234 14.75 -2.21 -9.54
CA LEU A 234 13.50 -1.54 -9.12
C LEU A 234 13.79 -0.49 -8.09
N ILE A 235 14.78 -0.77 -7.25
CA ILE A 235 15.20 0.13 -6.16
C ILE A 235 15.86 1.40 -6.72
N LYS A 236 16.75 1.23 -7.69
CA LYS A 236 17.44 2.32 -8.35
C LYS A 236 16.43 3.22 -9.06
N LEU A 237 15.34 2.64 -9.55
CA LEU A 237 14.34 3.43 -10.22
C LEU A 237 13.32 4.12 -9.32
N ILE A 238 13.06 3.56 -8.14
CA ILE A 238 12.08 4.17 -7.26
C ILE A 238 12.69 5.21 -6.34
N LEU A 239 13.83 4.87 -5.76
CA LEU A 239 14.52 5.77 -4.85
C LEU A 239 15.39 6.80 -5.60
N GLY A 240 15.76 6.50 -6.84
CA GLY A 240 16.55 7.43 -7.62
C GLY A 240 18.02 7.09 -7.74
N ARG A 241 18.51 6.22 -6.86
CA ARG A 241 19.90 5.81 -6.88
C ARG A 241 19.99 4.36 -6.45
N ASP A 242 21.22 3.89 -6.28
CA ASP A 242 21.47 2.52 -5.88
C ASP A 242 21.63 2.44 -4.38
N TYR A 243 20.86 1.54 -3.77
CA TYR A 243 20.93 1.34 -2.34
C TYR A 243 21.18 -0.13 -2.17
N PRO A 244 22.19 -0.46 -1.34
CA PRO A 244 22.59 -1.83 -1.04
C PRO A 244 21.49 -2.46 -0.19
N VAL A 245 21.12 -3.71 -0.48
CA VAL A 245 20.10 -4.40 0.28
C VAL A 245 20.69 -5.63 0.93
N LYS A 246 20.05 -6.10 1.99
CA LYS A 246 20.48 -7.27 2.73
C LYS A 246 19.33 -8.27 2.69
N LEU A 247 19.67 -9.54 2.86
CA LEU A 247 18.65 -10.60 2.94
C LEU A 247 18.20 -10.59 4.41
N ALA A 248 16.89 -10.57 4.66
CA ALA A 248 16.42 -10.57 6.02
C ALA A 248 16.83 -11.88 6.66
N GLU A 249 17.70 -11.73 7.66
CA GLU A 249 18.32 -12.79 8.45
C GLU A 249 19.72 -13.17 7.95
N GLY A 250 20.42 -12.19 7.42
CA GLY A 250 21.77 -12.42 6.95
C GLY A 250 22.63 -12.15 8.15
N VAL A 251 23.45 -11.10 8.10
CA VAL A 251 24.30 -10.75 9.25
C VAL A 251 23.34 -10.39 10.39
N PHE A 252 22.20 -9.80 10.04
CA PHE A 252 21.15 -9.40 10.98
C PHE A 252 21.52 -8.10 11.70
#